data_4AL0
#
_entry.id   4AL0
#
_cell.length_a   76.742
_cell.length_b   76.742
_cell.length_c   123.401
_cell.angle_alpha   90.00
_cell.angle_beta   90.00
_cell.angle_gamma   120.00
#
_symmetry.space_group_name_H-M   'H 3'
#
loop_
_entity.id
_entity.type
_entity.pdbx_description
1 polymer 'PROSTAGLANDIN E SYNTHASE'
2 non-polymer GLUTATHIONE
3 non-polymer 'PALMITIC ACID'
4 non-polymer 'octyl beta-D-glucopyranoside'
5 water water
#
_entity_poly.entity_id   1
_entity_poly.type   'polypeptide(L)'
_entity_poly.pdbx_seq_one_letter_code
;MPAHSLVMSSPALPAFLLCSTLLVIKMYVVAIITGQVRLRKKAFANPEDALRHGGPQYCRSDPDVERCLRAHRNDMETIY
PFLFLGFVYSFLGPNPFVAWMHFLVFLVGRVAHTVAYLGKLRAPIRSVTYTLAQLPCASMALQILWEAARHL
;
_entity_poly.pdbx_strand_id   A
#
# COMPACT_ATOMS: atom_id res chain seq x y z
N VAL A 7 -22.44 -4.28 5.79
CA VAL A 7 -21.17 -5.03 5.55
C VAL A 7 -21.41 -6.42 4.95
N MET A 8 -22.63 -6.93 5.08
CA MET A 8 -23.01 -8.20 4.43
C MET A 8 -23.75 -8.04 3.10
N SER A 9 -23.56 -6.90 2.43
CA SER A 9 -24.15 -6.68 1.10
C SER A 9 -23.67 -7.68 0.03
N SER A 10 -22.51 -8.31 0.27
N SER A 10 -22.51 -8.33 0.27
CA SER A 10 -22.05 -9.42 -0.55
CA SER A 10 -22.00 -9.39 -0.60
C SER A 10 -21.16 -10.33 0.29
C SER A 10 -20.97 -10.28 0.13
N PRO A 11 -21.02 -11.63 -0.06
CA PRO A 11 -20.24 -12.50 0.86
C PRO A 11 -18.74 -12.22 1.02
N ALA A 12 -18.13 -11.63 0.01
CA ALA A 12 -16.70 -11.27 0.01
C ALA A 12 -16.40 -9.94 0.72
N LEU A 13 -17.44 -9.15 0.92
CA LEU A 13 -17.23 -7.78 1.38
C LEU A 13 -16.56 -7.70 2.75
N PRO A 14 -16.95 -8.52 3.74
CA PRO A 14 -16.26 -8.38 5.04
C PRO A 14 -14.74 -8.62 4.94
N ALA A 15 -14.35 -9.65 4.18
CA ALA A 15 -12.94 -9.94 3.99
C ALA A 15 -12.22 -8.78 3.29
N PHE A 16 -12.85 -8.21 2.28
CA PHE A 16 -12.29 -7.07 1.60
C PHE A 16 -12.08 -5.91 2.58
N LEU A 17 -13.11 -5.62 3.37
CA LEU A 17 -13.04 -4.47 4.26
C LEU A 17 -12.00 -4.67 5.35
N LEU A 18 -11.84 -5.90 5.81
CA LEU A 18 -10.80 -6.21 6.78
C LEU A 18 -9.41 -5.96 6.19
N CYS A 19 -9.15 -6.53 5.02
N CYS A 19 -9.16 -6.57 5.03
CA CYS A 19 -7.82 -6.42 4.42
CA CYS A 19 -7.86 -6.44 4.36
C CYS A 19 -7.50 -4.98 4.04
C CYS A 19 -7.52 -5.00 4.04
N SER A 20 -8.48 -4.30 3.45
CA SER A 20 -8.34 -2.88 3.07
CA SER A 20 -8.25 -2.92 3.02
C SER A 20 -8.01 -1.99 4.21
N THR A 21 -8.77 -2.15 5.29
CA THR A 21 -8.58 -1.29 6.41
CA THR A 21 -8.58 -1.28 6.44
C THR A 21 -7.22 -1.56 7.10
N LEU A 22 -6.82 -2.83 7.19
CA LEU A 22 -5.49 -3.14 7.69
C LEU A 22 -4.40 -2.47 6.85
N LEU A 23 -4.58 -2.46 5.53
CA LEU A 23 -3.62 -1.83 4.65
C LEU A 23 -3.59 -0.31 4.81
N VAL A 24 -4.74 0.32 5.03
CA VAL A 24 -4.77 1.75 5.31
C VAL A 24 -4.02 2.03 6.60
N ILE A 25 -4.26 1.22 7.64
CA ILE A 25 -3.54 1.36 8.88
C ILE A 25 -2.03 1.16 8.67
N LYS A 26 -1.65 0.19 7.85
CA LYS A 26 -0.25 -0.02 7.52
C LYS A 26 0.39 1.19 6.83
N MET A 27 -0.37 1.92 6.02
N MET A 27 -0.38 1.92 6.02
CA MET A 27 0.12 3.16 5.46
CA MET A 27 0.10 3.15 5.44
C MET A 27 0.30 4.22 6.53
C MET A 27 0.28 4.24 6.50
N TYR A 28 -0.65 4.32 7.44
CA TYR A 28 -0.50 5.25 8.56
C TYR A 28 0.76 4.91 9.37
N VAL A 29 1.07 3.63 9.54
CA VAL A 29 2.29 3.23 10.23
C VAL A 29 3.52 3.75 9.49
N VAL A 30 3.55 3.65 8.16
CA VAL A 30 4.64 4.21 7.39
C VAL A 30 4.76 5.73 7.63
N ALA A 31 3.62 6.44 7.66
CA ALA A 31 3.65 7.87 7.95
C ALA A 31 4.26 8.15 9.33
N ILE A 32 3.87 7.37 10.34
CA ILE A 32 4.42 7.53 11.68
C ILE A 32 5.91 7.29 11.68
N ILE A 33 6.35 6.20 11.07
CA ILE A 33 7.77 5.90 11.00
C ILE A 33 8.51 7.05 10.32
N THR A 34 7.99 7.57 9.21
CA THR A 34 8.63 8.63 8.49
C THR A 34 8.89 9.81 9.42
N GLY A 35 7.88 10.20 10.20
CA GLY A 35 8.03 11.32 11.10
C GLY A 35 9.07 11.06 12.17
N GLN A 36 9.11 9.84 12.68
CA GLN A 36 10.10 9.47 13.65
C GLN A 36 11.53 9.52 13.09
N VAL A 37 11.70 9.06 11.85
CA VAL A 37 13.01 9.10 11.19
C VAL A 37 13.43 10.55 10.97
N ARG A 38 12.51 11.42 10.58
CA ARG A 38 12.87 12.84 10.41
C ARG A 38 13.40 13.40 11.71
N LEU A 39 12.72 13.10 12.81
CA LEU A 39 13.13 13.63 14.11
C LEU A 39 14.47 13.07 14.54
N ARG A 40 14.66 11.77 14.40
CA ARG A 40 15.88 11.11 14.86
C ARG A 40 17.11 11.50 14.02
N LYS A 41 16.93 11.65 12.72
CA LYS A 41 17.99 12.03 11.78
C LYS A 41 18.11 13.56 11.63
N LYS A 42 17.18 14.30 12.22
CA LYS A 42 17.10 15.76 12.09
C LYS A 42 17.16 16.15 10.63
N ALA A 43 16.15 15.67 9.89
CA ALA A 43 16.06 15.90 8.46
C ALA A 43 14.63 16.30 8.14
N PHE A 44 14.40 17.58 8.03
CA PHE A 44 13.07 18.17 7.86
C PHE A 44 12.97 18.75 6.47
N ALA A 45 11.75 18.74 5.95
CA ALA A 45 11.50 19.22 4.60
C ALA A 45 11.28 20.72 4.50
N ASN A 46 10.97 21.35 5.63
CA ASN A 46 10.55 22.73 5.66
C ASN A 46 11.40 23.53 6.63
N PRO A 47 11.76 24.78 6.25
CA PRO A 47 12.57 25.60 7.17
C PRO A 47 11.91 25.86 8.50
N GLU A 48 10.58 26.03 8.49
CA GLU A 48 9.88 26.29 9.75
C GLU A 48 10.02 25.12 10.70
N ASP A 49 10.07 23.90 10.17
CA ASP A 49 10.21 22.73 10.99
C ASP A 49 11.65 22.68 11.57
N ALA A 50 12.62 22.88 10.69
CA ALA A 50 14.03 22.82 11.08
C ALA A 50 14.34 23.84 12.18
N LEU A 51 13.82 25.05 12.05
CA LEU A 51 14.11 26.06 13.03
C LEU A 51 13.57 25.70 14.40
N ARG A 52 12.48 24.97 14.47
CA ARG A 52 11.95 24.49 15.75
C ARG A 52 12.77 23.37 16.35
N HIS A 53 13.47 22.61 15.51
CA HIS A 53 14.20 21.40 15.93
C HIS A 53 15.69 21.52 15.83
N GLY A 54 16.23 22.73 15.92
CA GLY A 54 17.67 22.89 16.12
C GLY A 54 18.40 23.85 15.21
N GLY A 55 17.78 24.31 14.14
CA GLY A 55 18.41 25.27 13.26
C GLY A 55 18.23 24.98 11.79
N PRO A 56 18.59 25.96 10.97
CA PRO A 56 18.29 25.90 9.54
C PRO A 56 19.04 24.81 8.82
N GLN A 57 20.15 24.37 9.40
CA GLN A 57 20.94 23.32 8.80
C GLN A 57 20.21 21.98 8.76
N TYR A 58 19.15 21.84 9.54
CA TYR A 58 18.39 20.60 9.57
C TYR A 58 17.23 20.55 8.56
N CYS A 59 17.12 21.57 7.72
CA CYS A 59 16.24 21.49 6.56
C CYS A 59 17.11 20.87 5.49
N ARG A 60 16.99 19.55 5.36
CA ARG A 60 17.91 18.77 4.53
C ARG A 60 17.27 17.45 4.23
N SER A 61 17.75 16.83 3.15
N SER A 61 17.78 16.82 3.17
CA SER A 61 17.36 15.48 2.82
CA SER A 61 17.42 15.49 2.80
C SER A 61 18.19 14.45 3.57
C SER A 61 18.15 14.49 3.67
N ASP A 62 17.63 13.26 3.71
CA ASP A 62 18.29 12.14 4.38
C ASP A 62 17.90 10.87 3.66
N PRO A 63 18.85 9.94 3.45
CA PRO A 63 18.48 8.76 2.65
CA PRO A 63 18.51 8.75 2.67
C PRO A 63 17.42 7.87 3.29
N ASP A 64 17.38 7.79 4.60
CA ASP A 64 16.35 6.99 5.28
C ASP A 64 14.98 7.63 5.20
N VAL A 65 14.93 8.96 5.30
CA VAL A 65 13.67 9.66 5.07
C VAL A 65 13.21 9.43 3.64
N GLU A 66 14.12 9.56 2.68
N GLU A 66 14.10 9.57 2.67
CA GLU A 66 13.77 9.36 1.29
CA GLU A 66 13.73 9.38 1.28
C GLU A 66 13.22 7.95 1.05
C GLU A 66 13.22 7.95 1.03
N ARG A 67 13.83 6.96 1.66
CA ARG A 67 13.37 5.58 1.58
C ARG A 67 11.95 5.43 2.12
N CYS A 68 11.69 6.02 3.28
CA CYS A 68 10.33 6.00 3.84
C CYS A 68 9.33 6.61 2.88
N LEU A 69 9.68 7.74 2.27
N LEU A 69 9.69 7.74 2.28
CA LEU A 69 8.80 8.38 1.30
CA LEU A 69 8.84 8.40 1.30
C LEU A 69 8.59 7.51 0.07
C LEU A 69 8.60 7.53 0.07
N ARG A 70 9.61 6.80 -0.38
CA ARG A 70 9.43 5.88 -1.51
C ARG A 70 8.48 4.75 -1.16
N ALA A 71 8.60 4.20 0.04
CA ALA A 71 7.70 3.14 0.45
C ALA A 71 6.25 3.65 0.47
N HIS A 72 6.05 4.81 1.04
CA HIS A 72 4.72 5.39 1.12
C HIS A 72 4.18 5.67 -0.28
N ARG A 73 5.03 6.18 -1.17
N ARG A 73 5.03 6.17 -1.16
CA ARG A 73 4.60 6.44 -2.56
CA ARG A 73 4.59 6.43 -2.51
C ARG A 73 4.22 5.15 -3.24
C ARG A 73 4.21 5.15 -3.23
N ASN A 74 5.02 4.10 -3.09
CA ASN A 74 4.69 2.84 -3.72
C ASN A 74 3.36 2.29 -3.19
N ASP A 75 3.14 2.45 -1.90
CA ASP A 75 1.85 2.12 -1.32
C ASP A 75 0.71 2.90 -2.02
N MET A 76 0.88 4.19 -2.23
N MET A 76 0.88 4.19 -2.24
CA MET A 76 -0.17 4.96 -2.91
CA MET A 76 -0.17 4.96 -2.91
C MET A 76 -0.39 4.51 -4.35
C MET A 76 -0.39 4.51 -4.36
N GLU A 77 0.65 4.03 -5.00
CA GLU A 77 0.58 3.55 -6.37
C GLU A 77 -0.16 2.20 -6.47
N THR A 78 -0.24 1.45 -5.37
CA THR A 78 -0.72 0.07 -5.41
C THR A 78 -1.94 -0.18 -4.51
N ILE A 79 -1.91 0.30 -3.29
CA ILE A 79 -3.00 0.08 -2.35
C ILE A 79 -4.23 0.88 -2.75
N TYR A 80 -4.05 2.12 -3.19
CA TYR A 80 -5.21 2.91 -3.57
C TYR A 80 -6.00 2.26 -4.71
N PRO A 81 -5.35 1.78 -5.79
CA PRO A 81 -6.12 1.06 -6.80
C PRO A 81 -6.80 -0.19 -6.25
N PHE A 82 -6.15 -0.92 -5.35
CA PHE A 82 -6.79 -2.07 -4.69
C PHE A 82 -8.06 -1.66 -3.96
N LEU A 83 -8.06 -0.54 -3.28
CA LEU A 83 -9.25 -0.09 -2.57
C LEU A 83 -10.45 0.01 -3.53
N PHE A 84 -10.20 0.55 -4.71
CA PHE A 84 -11.23 0.66 -5.73
C PHE A 84 -11.59 -0.70 -6.32
N LEU A 85 -10.60 -1.41 -6.84
CA LEU A 85 -10.84 -2.67 -7.53
C LEU A 85 -11.48 -3.71 -6.63
N GLY A 86 -10.94 -3.87 -5.43
CA GLY A 86 -11.46 -4.87 -4.51
C GLY A 86 -12.87 -4.59 -4.05
N PHE A 87 -13.22 -3.32 -3.89
CA PHE A 87 -14.56 -2.95 -3.51
C PHE A 87 -15.53 -3.36 -4.60
N VAL A 88 -15.24 -2.96 -5.83
CA VAL A 88 -16.09 -3.30 -6.96
C VAL A 88 -16.18 -4.82 -7.12
N TYR A 89 -15.04 -5.49 -7.09
CA TYR A 89 -14.95 -6.93 -7.26
C TYR A 89 -15.81 -7.67 -6.25
N SER A 90 -15.86 -7.17 -5.03
CA SER A 90 -16.66 -7.79 -3.98
C SER A 90 -18.13 -7.90 -4.35
N PHE A 91 -18.62 -7.01 -5.20
CA PHE A 91 -20.03 -6.99 -5.61
C PHE A 91 -20.30 -7.71 -6.90
N LEU A 92 -19.30 -8.37 -7.48
CA LEU A 92 -19.46 -9.10 -8.73
C LEU A 92 -19.75 -10.59 -8.57
N GLY A 93 -20.06 -11.01 -7.36
CA GLY A 93 -20.39 -12.41 -7.10
C GLY A 93 -19.24 -13.38 -7.32
N PRO A 94 -18.01 -12.99 -6.92
CA PRO A 94 -16.96 -14.00 -7.04
C PRO A 94 -17.15 -15.16 -6.06
N ASN A 95 -16.58 -16.30 -6.38
CA ASN A 95 -16.47 -17.39 -5.40
C ASN A 95 -15.81 -16.82 -4.14
N PRO A 96 -16.47 -16.94 -2.98
CA PRO A 96 -15.90 -16.30 -1.78
C PRO A 96 -14.47 -16.73 -1.41
N PHE A 97 -14.15 -18.02 -1.56
CA PHE A 97 -12.80 -18.50 -1.26
C PHE A 97 -11.77 -17.90 -2.22
N VAL A 98 -12.12 -17.87 -3.51
CA VAL A 98 -11.26 -17.24 -4.51
C VAL A 98 -11.06 -15.76 -4.19
N ALA A 99 -12.12 -15.07 -3.79
CA ALA A 99 -12.01 -13.66 -3.40
C ALA A 99 -11.09 -13.51 -2.20
N TRP A 100 -11.27 -14.34 -1.17
CA TRP A 100 -10.37 -14.33 -0.01
C TRP A 100 -8.95 -14.47 -0.43
N MET A 101 -8.67 -15.39 -1.36
CA MET A 101 -7.29 -15.60 -1.82
C MET A 101 -6.74 -14.36 -2.49
N HIS A 102 -7.55 -13.68 -3.30
CA HIS A 102 -7.08 -12.43 -3.93
C HIS A 102 -6.71 -11.42 -2.84
N PHE A 103 -7.57 -11.25 -1.85
CA PHE A 103 -7.36 -10.24 -0.83
C PHE A 103 -6.17 -10.59 0.06
N LEU A 104 -6.03 -11.85 0.45
CA LEU A 104 -4.95 -12.28 1.30
C LEU A 104 -3.59 -12.18 0.62
N VAL A 105 -3.52 -12.56 -0.66
CA VAL A 105 -2.27 -12.43 -1.40
C VAL A 105 -1.87 -10.95 -1.46
N PHE A 106 -2.84 -10.06 -1.72
CA PHE A 106 -2.51 -8.65 -1.75
C PHE A 106 -2.04 -8.16 -0.37
N LEU A 107 -2.75 -8.51 0.68
CA LEU A 107 -2.40 -8.09 2.02
C LEU A 107 -0.99 -8.56 2.41
N VAL A 108 -0.74 -9.86 2.25
CA VAL A 108 0.55 -10.41 2.64
C VAL A 108 1.68 -9.82 1.77
N GLY A 109 1.44 -9.72 0.46
CA GLY A 109 2.44 -9.15 -0.41
C GLY A 109 2.79 -7.72 -0.05
N ARG A 110 1.78 -6.92 0.25
CA ARG A 110 2.04 -5.53 0.58
C ARG A 110 2.67 -5.35 1.95
N VAL A 111 2.27 -6.11 2.96
CA VAL A 111 2.97 -6.02 4.23
C VAL A 111 4.44 -6.43 4.04
N ALA A 112 4.67 -7.52 3.30
CA ALA A 112 6.03 -7.95 3.01
C ALA A 112 6.81 -6.90 2.24
N HIS A 113 6.17 -6.20 1.32
CA HIS A 113 6.84 -5.15 0.56
C HIS A 113 7.35 -4.07 1.49
N THR A 114 6.53 -3.61 2.44
CA THR A 114 6.98 -2.57 3.35
C THR A 114 8.13 -3.05 4.23
N VAL A 115 8.04 -4.28 4.71
CA VAL A 115 9.13 -4.85 5.50
C VAL A 115 10.42 -4.90 4.67
N ALA A 116 10.31 -5.36 3.43
CA ALA A 116 11.45 -5.46 2.55
C ALA A 116 12.05 -4.11 2.21
N TYR A 117 11.19 -3.09 2.08
CA TYR A 117 11.63 -1.78 1.67
C TYR A 117 12.31 -1.08 2.87
N LEU A 118 11.57 -0.95 3.97
CA LEU A 118 12.10 -0.26 5.11
C LEU A 118 13.23 -1.02 5.79
N GLY A 119 13.18 -2.35 5.68
CA GLY A 119 14.22 -3.22 6.22
C GLY A 119 15.44 -3.36 5.35
N LYS A 120 15.43 -2.78 4.16
CA LYS A 120 16.58 -2.79 3.24
C LYS A 120 16.98 -4.23 2.90
N LEU A 121 16.00 -5.09 2.67
CA LEU A 121 16.30 -6.47 2.36
C LEU A 121 16.88 -6.58 0.96
N ARG A 122 17.71 -7.60 0.75
CA ARG A 122 18.38 -7.73 -0.53
C ARG A 122 17.43 -7.91 -1.71
N ALA A 123 17.84 -7.41 -2.86
CA ALA A 123 17.11 -7.65 -4.07
C ALA A 123 17.20 -9.13 -4.42
N PRO A 124 16.15 -9.69 -5.04
CA PRO A 124 14.93 -9.05 -5.51
C PRO A 124 13.73 -9.23 -4.56
N ILE A 125 13.97 -9.28 -3.26
CA ILE A 125 12.86 -9.58 -2.35
C ILE A 125 11.72 -8.56 -2.48
N ARG A 126 12.02 -7.27 -2.44
CA ARG A 126 10.99 -6.27 -2.57
C ARG A 126 10.30 -6.38 -3.90
N SER A 127 11.05 -6.54 -4.98
N SER A 127 11.05 -6.52 -4.97
CA SER A 127 10.44 -6.62 -6.30
CA SER A 127 10.49 -6.65 -6.31
C SER A 127 9.50 -7.83 -6.45
C SER A 127 9.50 -7.81 -6.41
N VAL A 128 9.87 -8.97 -5.86
CA VAL A 128 8.99 -10.14 -5.87
C VAL A 128 7.72 -9.86 -5.10
N THR A 129 7.81 -9.23 -3.94
CA THR A 129 6.60 -8.94 -3.15
C THR A 129 5.67 -8.00 -3.92
N TYR A 130 6.23 -7.02 -4.61
CA TYR A 130 5.45 -6.11 -5.42
C TYR A 130 4.70 -6.88 -6.49
N THR A 131 5.40 -7.72 -7.22
CA THR A 131 4.83 -8.46 -8.32
C THR A 131 3.73 -9.41 -7.84
N LEU A 132 4.02 -10.13 -6.74
N LEU A 132 3.98 -10.11 -6.74
CA LEU A 132 3.04 -11.00 -6.09
CA LEU A 132 2.99 -11.03 -6.21
C LEU A 132 1.74 -10.25 -5.87
C LEU A 132 1.71 -10.31 -5.76
N ALA A 133 1.84 -9.12 -5.18
CA ALA A 133 0.65 -8.38 -4.82
C ALA A 133 -0.09 -7.81 -6.04
N GLN A 134 0.64 -7.48 -7.10
CA GLN A 134 -0.02 -6.96 -8.26
C GLN A 134 -0.84 -8.02 -8.99
N LEU A 135 -0.53 -9.30 -8.86
N LEU A 135 -0.49 -9.28 -8.83
CA LEU A 135 -1.26 -10.33 -9.59
CA LEU A 135 -1.18 -10.40 -9.47
C LEU A 135 -2.77 -10.34 -9.26
C LEU A 135 -2.69 -10.40 -9.24
N PRO A 136 -3.16 -10.36 -7.97
CA PRO A 136 -4.60 -10.32 -7.75
C PRO A 136 -5.24 -9.02 -8.22
N CYS A 137 -4.51 -7.91 -8.21
CA CYS A 137 -5.07 -6.67 -8.73
C CYS A 137 -5.32 -6.75 -10.22
N ALA A 138 -4.37 -7.28 -10.97
CA ALA A 138 -4.57 -7.48 -12.40
C ALA A 138 -5.77 -8.38 -12.65
N SER A 139 -5.87 -9.46 -11.88
CA SER A 139 -7.00 -10.39 -12.01
C SER A 139 -8.34 -9.70 -11.77
N MET A 140 -8.46 -8.94 -10.69
CA MET A 140 -9.68 -8.22 -10.41
C MET A 140 -9.99 -7.20 -11.48
N ALA A 141 -8.98 -6.48 -11.96
CA ALA A 141 -9.21 -5.47 -12.97
C ALA A 141 -9.81 -6.10 -14.23
N LEU A 142 -9.24 -7.21 -14.68
CA LEU A 142 -9.78 -7.87 -15.88
C LEU A 142 -11.20 -8.35 -15.64
N GLN A 143 -11.48 -8.91 -14.47
CA GLN A 143 -12.83 -9.38 -14.18
C GLN A 143 -13.84 -8.25 -14.19
N ILE A 144 -13.45 -7.09 -13.65
CA ILE A 144 -14.32 -5.93 -13.69
C ILE A 144 -14.54 -5.46 -15.13
N LEU A 145 -13.48 -5.45 -15.91
N LEU A 145 -13.48 -5.43 -15.94
CA LEU A 145 -13.59 -5.03 -17.29
CA LEU A 145 -13.62 -5.05 -17.35
C LEU A 145 -14.62 -5.88 -18.05
C LEU A 145 -14.70 -5.87 -18.01
N TRP A 146 -14.60 -7.20 -17.85
CA TRP A 146 -15.55 -8.05 -18.56
C TRP A 146 -16.95 -7.81 -18.10
N GLU A 147 -17.14 -7.68 -16.78
N GLU A 147 -17.14 -7.65 -16.79
CA GLU A 147 -18.47 -7.42 -16.26
CA GLU A 147 -18.46 -7.47 -16.23
C GLU A 147 -19.01 -6.09 -16.73
C GLU A 147 -19.03 -6.09 -16.61
N ALA A 148 -18.18 -5.06 -16.65
CA ALA A 148 -18.63 -3.75 -17.09
C ALA A 148 -18.98 -3.75 -18.58
N ALA A 149 -18.07 -4.30 -19.39
CA ALA A 149 -18.28 -4.31 -20.84
C ALA A 149 -19.56 -5.03 -21.20
N ARG A 150 -19.84 -6.14 -20.53
CA ARG A 150 -20.99 -6.94 -20.93
C ARG A 150 -22.32 -6.33 -20.49
N HIS A 151 -22.28 -5.33 -19.62
CA HIS A 151 -23.46 -4.60 -19.20
C HIS A 151 -23.64 -3.28 -19.88
N LEU A 152 -22.84 -2.98 -20.89
CA LEU A 152 -23.03 -1.72 -21.60
C LEU A 152 -24.31 -1.68 -22.42
#